data_8S1K
#
_entry.id   8S1K
#
_cell.length_a   31.988
_cell.length_b   53.400
_cell.length_c   72.131
_cell.angle_alpha   90.000
_cell.angle_beta   90.000
_cell.angle_gamma   90.000
#
_symmetry.space_group_name_H-M   'P 2 21 21'
#
loop_
_entity.id
_entity.type
_entity.pdbx_description
1 polymer 'Fatty acid-binding protein, adipocyte'
2 non-polymer (6~{S})-2-[1-(methoxymethyl)cyclopentyl]-6-pentyl-4-phenyl-3-(1~{H}-1,2,3,4-tetrazol-5-yl)-5,6,7,8-tetrahydroquinoline
3 non-polymer 'DIMETHYL SULFOXIDE'
4 water water
#
_entity_poly.entity_id   1
_entity_poly.type   'polypeptide(L)'
_entity_poly.pdbx_seq_one_letter_code
;GSHMCDAFVGTWKLVSSENFDDYMKEVGVGFATRKVAGMAKPNMIISVNGDVITIKSESTFKNTEISFILGQEFDEVTAD
DRKVKSTITLDGGVLVHVQKWDGKSTTIKRKREDDKLVVECVMKGVTSTRVYERA
;
_entity_poly.pdbx_strand_id   A
#
loop_
_chem_comp.id
_chem_comp.type
_chem_comp.name
_chem_comp.formula
A1H4Y non-polymer (6~{S})-2-[1-(methoxymethyl)cyclopentyl]-6-pentyl-4-phenyl-3-(1~{H}-1,2,3,4-tetrazol-5-yl)-5,6,7,8-tetrahydroquinoline 'C28 H37 N5 O'
DMS non-polymer 'DIMETHYL SULFOXIDE' 'C2 H6 O S'
#
# COMPACT_ATOMS: atom_id res chain seq x y z
N ASP A 6 -5.32 -15.34 9.27
CA ASP A 6 -4.43 -14.59 10.14
C ASP A 6 -4.87 -13.15 10.20
N ALA A 7 -3.98 -12.35 10.73
CA ALA A 7 -4.34 -11.01 11.08
C ALA A 7 -4.75 -10.21 9.84
N PHE A 8 -4.18 -10.48 8.66
CA PHE A 8 -4.34 -9.58 7.50
C PHE A 8 -5.51 -9.87 6.58
N VAL A 9 -5.94 -11.13 6.50
CA VAL A 9 -6.99 -11.49 5.55
C VAL A 9 -8.28 -10.74 5.83
N GLY A 10 -8.83 -10.11 4.79
CA GLY A 10 -10.11 -9.43 4.91
C GLY A 10 -10.28 -8.33 3.87
N THR A 11 -11.41 -7.64 3.98
CA THR A 11 -11.71 -6.47 3.17
C THR A 11 -11.70 -5.26 4.09
N TRP A 12 -10.79 -4.34 3.84
CA TRP A 12 -10.46 -3.26 4.75
C TRP A 12 -10.74 -1.90 4.10
N LYS A 13 -11.66 -1.15 4.68
CA LYS A 13 -12.09 0.13 4.12
C LYS A 13 -11.32 1.27 4.76
N LEU A 14 -10.78 2.18 3.94
CA LEU A 14 -10.06 3.32 4.50
C LEU A 14 -11.01 4.18 5.33
N VAL A 15 -10.62 4.47 6.57
CA VAL A 15 -11.41 5.33 7.44
C VAL A 15 -10.68 6.61 7.86
N SER A 16 -9.34 6.62 7.84
CA SER A 16 -8.61 7.84 8.17
C SER A 16 -7.27 7.85 7.44
N SER A 17 -6.79 9.06 7.17
CA SER A 17 -5.53 9.25 6.46
C SER A 17 -4.89 10.55 6.94
N GLU A 18 -3.60 10.46 7.29
CA GLU A 18 -2.82 11.64 7.68
C GLU A 18 -1.59 11.77 6.80
N ASN A 19 -1.38 12.97 6.29
CA ASN A 19 -0.21 13.34 5.52
C ASN A 19 -0.08 12.68 4.15
N PHE A 20 -1.17 12.17 3.60
CA PHE A 20 -1.03 11.44 2.35
C PHE A 20 -0.74 12.38 1.18
N ASP A 21 -1.26 13.60 1.21
CA ASP A 21 -0.94 14.54 0.13
C ASP A 21 0.58 14.84 0.12
N ASP A 22 1.14 15.12 1.30
CA ASP A 22 2.58 15.37 1.42
C ASP A 22 3.36 14.16 0.94
N TYR A 23 2.89 12.96 1.30
CA TYR A 23 3.57 11.73 0.91
C TYR A 23 3.54 11.55 -0.62
N MET A 24 2.37 11.70 -1.21
CA MET A 24 2.26 11.61 -2.68
C MET A 24 3.15 12.64 -3.37
N LYS A 25 3.20 13.85 -2.85
CA LYS A 25 4.01 14.90 -3.46
C LYS A 25 5.48 14.49 -3.41
N GLU A 26 5.90 13.90 -2.29
CA GLU A 26 7.28 13.49 -2.14
C GLU A 26 7.62 12.36 -3.09
N VAL A 27 6.66 11.47 -3.34
CA VAL A 27 6.85 10.36 -4.26
C VAL A 27 6.94 10.86 -5.71
N GLY A 28 6.30 12.00 -5.98
CA GLY A 28 6.34 12.62 -7.31
C GLY A 28 5.00 12.69 -8.04
N VAL A 29 3.92 12.48 -7.31
CA VAL A 29 2.59 12.56 -7.91
C VAL A 29 2.19 14.02 -8.17
N GLY A 30 1.68 14.30 -9.38
CA GLY A 30 1.28 15.65 -9.73
C GLY A 30 -0.02 16.08 -9.07
N PHE A 31 -0.29 17.38 -9.10
CA PHE A 31 -1.38 17.96 -8.34
C PHE A 31 -2.73 17.34 -8.72
N ALA A 32 -3.00 17.20 -10.02
CA ALA A 32 -4.32 16.75 -10.45
C ALA A 32 -4.59 15.34 -9.94
N THR A 33 -3.57 14.49 -9.99
CA THR A 33 -3.71 13.10 -9.54
C THR A 33 -3.83 13.05 -8.02
N ARG A 34 -3.06 13.88 -7.32
CA ARG A 34 -3.18 13.93 -5.86
C ARG A 34 -4.57 14.35 -5.44
N LYS A 35 -5.18 15.23 -6.21
CA LYS A 35 -6.51 15.73 -5.89
C LYS A 35 -7.53 14.60 -5.92
N VAL A 36 -7.50 13.79 -6.97
CA VAL A 36 -8.42 12.65 -7.08
C VAL A 36 -8.13 11.65 -5.97
N ALA A 37 -6.86 11.34 -5.74
CA ALA A 37 -6.50 10.37 -4.72
C ALA A 37 -6.84 10.80 -3.29
N GLY A 38 -6.68 12.09 -3.02
CA GLY A 38 -6.79 12.59 -1.67
C GLY A 38 -8.12 12.26 -1.03
N MET A 39 -9.19 12.31 -1.83
CA MET A 39 -10.54 12.13 -1.32
C MET A 39 -11.01 10.70 -1.44
N ALA A 40 -10.25 9.88 -2.17
CA ALA A 40 -10.63 8.48 -2.40
C ALA A 40 -10.61 7.68 -1.10
N LYS A 41 -11.54 6.74 -0.98
CA LYS A 41 -11.59 5.85 0.17
C LYS A 41 -11.58 4.41 -0.33
N PRO A 42 -10.40 3.90 -0.67
CA PRO A 42 -10.28 2.53 -1.19
C PRO A 42 -10.58 1.46 -0.18
N ASN A 43 -11.00 0.32 -0.72
CA ASN A 43 -11.00 -0.94 0.00
C ASN A 43 -9.73 -1.68 -0.35
N MET A 44 -9.06 -2.22 0.66
CA MET A 44 -7.88 -3.06 0.50
C MET A 44 -8.30 -4.49 0.85
N ILE A 45 -8.25 -5.37 -0.15
CA ILE A 45 -8.76 -6.74 0.00
C ILE A 45 -7.55 -7.69 -0.03
N ILE A 46 -7.28 -8.33 1.10
CA ILE A 46 -6.10 -9.16 1.27
C ILE A 46 -6.56 -10.61 1.41
N SER A 47 -5.97 -11.48 0.58
CA SER A 47 -6.26 -12.90 0.65
C SER A 47 -4.96 -13.68 0.50
N VAL A 48 -4.98 -14.93 0.94
CA VAL A 48 -3.81 -15.77 0.86
C VAL A 48 -4.19 -17.17 0.44
N ASN A 49 -3.36 -17.74 -0.43
CA ASN A 49 -3.48 -19.09 -0.92
C ASN A 49 -2.11 -19.71 -0.93
N GLY A 50 -1.81 -20.54 0.08
CA GLY A 50 -0.48 -21.11 0.19
C GLY A 50 0.57 -20.03 0.33
N ASP A 51 1.56 -20.05 -0.55
CA ASP A 51 2.69 -19.11 -0.56
CA ASP A 51 2.63 -19.07 -0.44
C ASP A 51 2.34 -17.78 -1.21
N VAL A 52 1.16 -17.67 -1.80
CA VAL A 52 0.84 -16.48 -2.60
C VAL A 52 -0.18 -15.60 -1.93
N ILE A 53 0.24 -14.38 -1.64
CA ILE A 53 -0.65 -13.35 -1.09
C ILE A 53 -1.11 -12.43 -2.20
N THR A 54 -2.42 -12.14 -2.22
CA THR A 54 -2.97 -11.16 -3.15
C THR A 54 -3.52 -9.97 -2.39
N ILE A 55 -3.15 -8.77 -2.84
CA ILE A 55 -3.69 -7.53 -2.28
C ILE A 55 -4.30 -6.71 -3.41
N LYS A 56 -5.60 -6.48 -3.31
CA LYS A 56 -6.33 -5.66 -4.25
C LYS A 56 -6.67 -4.35 -3.57
N SER A 57 -6.53 -3.24 -4.27
CA SER A 57 -7.13 -1.99 -3.82
CA SER A 57 -7.11 -1.98 -3.82
C SER A 57 -8.19 -1.58 -4.81
N GLU A 58 -9.37 -1.33 -4.28
CA GLU A 58 -10.53 -1.03 -5.11
C GLU A 58 -11.13 0.31 -4.73
N SER A 59 -11.33 1.15 -5.73
CA SER A 59 -11.94 2.44 -5.46
C SER A 59 -12.55 2.96 -6.73
N THR A 60 -13.35 3.99 -6.56
CA THR A 60 -14.14 4.50 -7.65
C THR A 60 -13.29 4.87 -8.85
N PHE A 61 -12.11 5.46 -8.61
CA PHE A 61 -11.30 5.97 -9.72
C PHE A 61 -10.05 5.19 -10.03
N LYS A 62 -9.77 4.15 -9.24
CA LYS A 62 -8.57 3.35 -9.45
C LYS A 62 -8.64 2.04 -8.72
N ASN A 63 -8.39 0.97 -9.46
CA ASN A 63 -8.25 -0.36 -8.91
C ASN A 63 -6.84 -0.84 -9.21
N THR A 64 -6.22 -1.51 -8.24
CA THR A 64 -4.91 -2.15 -8.40
C THR A 64 -4.94 -3.54 -7.80
N GLU A 65 -4.03 -4.39 -8.26
CA GLU A 65 -3.84 -5.71 -7.67
C GLU A 65 -2.38 -6.13 -7.77
N ILE A 66 -1.88 -6.74 -6.69
CA ILE A 66 -0.59 -7.40 -6.70
C ILE A 66 -0.77 -8.81 -6.11
N SER A 67 -0.01 -9.76 -6.65
CA SER A 67 0.14 -11.08 -6.05
C SER A 67 1.63 -11.37 -5.95
N PHE A 68 2.03 -11.96 -4.84
CA PHE A 68 3.44 -12.08 -4.56
C PHE A 68 3.68 -13.17 -3.55
N ILE A 69 4.95 -13.59 -3.52
CA ILE A 69 5.47 -14.52 -2.53
C ILE A 69 6.43 -13.71 -1.68
N LEU A 70 6.34 -13.89 -0.38
CA LEU A 70 7.22 -13.19 0.53
C LEU A 70 8.69 -13.41 0.18
N GLY A 71 9.44 -12.32 0.11
CA GLY A 71 10.86 -12.37 -0.14
C GLY A 71 11.26 -12.50 -1.58
N GLN A 72 10.29 -12.60 -2.50
CA GLN A 72 10.60 -12.72 -3.92
C GLN A 72 10.28 -11.40 -4.63
N GLU A 73 11.31 -10.76 -5.20
CA GLU A 73 11.10 -9.50 -5.88
C GLU A 73 10.14 -9.70 -7.04
N PHE A 74 9.29 -8.71 -7.27
CA PHE A 74 8.40 -8.73 -8.42
C PHE A 74 8.26 -7.34 -9.03
N ASP A 75 7.88 -7.29 -10.30
CA ASP A 75 7.60 -6.02 -10.96
C ASP A 75 6.19 -5.59 -10.60
N GLU A 76 6.03 -4.31 -10.24
CA GLU A 76 4.74 -3.75 -9.90
C GLU A 76 4.53 -2.44 -10.63
N VAL A 77 3.33 -2.26 -11.18
CA VAL A 77 2.85 -0.95 -11.64
C VAL A 77 1.95 -0.40 -10.53
N THR A 78 2.37 0.71 -9.94
CA THR A 78 1.67 1.27 -8.80
C THR A 78 0.43 2.04 -9.27
N ALA A 79 -0.42 2.41 -8.32
CA ALA A 79 -1.62 3.16 -8.62
C ALA A 79 -1.32 4.45 -9.37
N ASP A 80 -0.16 5.05 -9.09
CA ASP A 80 0.27 6.31 -9.70
C ASP A 80 1.19 6.06 -10.91
N ASP A 81 1.17 4.82 -11.40
CA ASP A 81 1.82 4.42 -12.65
CA ASP A 81 1.83 4.43 -12.64
C ASP A 81 3.35 4.46 -12.60
N ARG A 82 3.93 4.32 -11.42
CA ARG A 82 5.36 4.07 -11.34
C ARG A 82 5.63 2.60 -11.68
N LYS A 83 6.74 2.33 -12.35
CA LYS A 83 7.18 0.96 -12.63
C LYS A 83 8.29 0.63 -11.65
N VAL A 84 7.96 -0.20 -10.67
CA VAL A 84 8.84 -0.42 -9.53
C VAL A 84 9.20 -1.88 -9.37
N LYS A 85 10.28 -2.12 -8.64
CA LYS A 85 10.69 -3.43 -8.19
C LYS A 85 10.27 -3.53 -6.75
N SER A 86 9.42 -4.49 -6.44
CA SER A 86 8.83 -4.60 -5.13
C SER A 86 9.26 -5.85 -4.43
N THR A 87 9.50 -5.72 -3.13
CA THR A 87 9.77 -6.88 -2.29
C THR A 87 8.97 -6.73 -1.02
N ILE A 88 8.29 -7.80 -0.65
CA ILE A 88 7.45 -7.79 0.55
C ILE A 88 7.87 -8.93 1.43
N THR A 89 8.10 -8.60 2.70
CA THR A 89 8.51 -9.57 3.70
C THR A 89 7.63 -9.42 4.91
N LEU A 90 7.65 -10.43 5.76
CA LEU A 90 6.96 -10.39 7.03
C LEU A 90 8.02 -10.32 8.12
N ASP A 91 7.99 -9.25 8.92
CA ASP A 91 8.98 -8.99 9.96
C ASP A 91 8.22 -8.61 11.23
N GLY A 92 8.34 -9.40 12.29
CA GLY A 92 7.66 -9.11 13.54
C GLY A 92 6.15 -8.90 13.39
N GLY A 93 5.53 -9.69 12.51
CA GLY A 93 4.11 -9.59 12.28
C GLY A 93 3.64 -8.50 11.32
N VAL A 94 4.58 -7.67 10.85
CA VAL A 94 4.29 -6.56 9.96
C VAL A 94 4.65 -6.94 8.54
N LEU A 95 3.76 -6.67 7.58
CA LEU A 95 4.09 -6.81 6.17
C LEU A 95 4.82 -5.58 5.72
N VAL A 96 6.09 -5.74 5.34
CA VAL A 96 6.94 -4.64 4.93
C VAL A 96 7.15 -4.71 3.43
N HIS A 97 6.71 -3.68 2.73
CA HIS A 97 6.72 -3.61 1.28
C HIS A 97 7.64 -2.47 0.88
N VAL A 98 8.73 -2.78 0.19
CA VAL A 98 9.58 -1.75 -0.39
C VAL A 98 9.37 -1.72 -1.89
N GLN A 99 9.22 -0.51 -2.43
CA GLN A 99 9.17 -0.28 -3.87
C GLN A 99 10.43 0.48 -4.24
N LYS A 100 11.18 -0.03 -5.21
CA LYS A 100 12.40 0.61 -5.67
C LYS A 100 12.29 0.98 -7.13
N TRP A 101 12.66 2.21 -7.47
CA TRP A 101 12.60 2.68 -8.84
C TRP A 101 13.51 3.91 -8.98
N ASP A 102 14.29 3.97 -10.05
CA ASP A 102 15.15 5.12 -10.32
C ASP A 102 16.07 5.47 -9.15
N GLY A 103 16.63 4.48 -8.49
CA GLY A 103 17.50 4.74 -7.35
C GLY A 103 16.75 5.35 -6.18
N LYS A 104 15.42 5.36 -6.24
CA LYS A 104 14.58 5.84 -5.14
C LYS A 104 13.94 4.63 -4.45
N SER A 105 13.42 4.86 -3.26
CA SER A 105 12.62 3.83 -2.60
C SER A 105 11.55 4.44 -1.74
N THR A 106 10.50 3.66 -1.52
CA THR A 106 9.49 4.02 -0.54
C THR A 106 9.06 2.73 0.15
N THR A 107 8.63 2.86 1.40
CA THR A 107 8.20 1.69 2.17
CA THR A 107 8.18 1.69 2.16
C THR A 107 6.74 1.84 2.59
N ILE A 108 6.02 0.73 2.54
CA ILE A 108 4.63 0.65 2.95
C ILE A 108 4.56 -0.48 3.95
N LYS A 109 4.25 -0.14 5.19
CA LYS A 109 4.15 -1.16 6.24
C LYS A 109 2.71 -1.32 6.65
N ARG A 110 2.22 -2.54 6.55
CA ARG A 110 0.85 -2.89 6.93
C ARG A 110 0.91 -3.69 8.22
N LYS A 111 0.20 -3.21 9.23
CA LYS A 111 0.25 -3.83 10.54
C LYS A 111 -1.16 -3.98 11.06
N ARG A 112 -1.37 -5.03 11.84
CA ARG A 112 -2.66 -5.24 12.44
C ARG A 112 -2.60 -4.76 13.87
N GLU A 113 -3.54 -3.90 14.22
CA GLU A 113 -3.61 -3.33 15.55
C GLU A 113 -5.06 -3.35 16.01
N ASP A 114 -5.34 -4.18 17.02
CA ASP A 114 -6.71 -4.38 17.50
C ASP A 114 -7.62 -4.69 16.32
N ASP A 115 -8.52 -3.76 16.04
CA ASP A 115 -9.55 -3.92 15.04
C ASP A 115 -9.16 -3.31 13.72
N LYS A 116 -7.97 -2.74 13.67
CA LYS A 116 -7.57 -1.91 12.54
C LYS A 116 -6.44 -2.50 11.72
N LEU A 117 -6.41 -2.13 10.46
CA LEU A 117 -5.22 -2.32 9.62
C LEU A 117 -4.59 -0.93 9.51
N VAL A 118 -3.37 -0.80 10.03
CA VAL A 118 -2.67 0.48 10.06
C VAL A 118 -1.53 0.42 9.07
N VAL A 119 -1.51 1.39 8.16
CA VAL A 119 -0.57 1.37 7.05
C VAL A 119 0.28 2.64 7.08
N GLU A 120 1.59 2.45 7.25
CA GLU A 120 2.54 3.54 7.32
C GLU A 120 3.33 3.61 6.01
N CYS A 121 3.33 4.78 5.38
CA CYS A 121 4.03 5.00 4.12
C CYS A 121 5.10 6.03 4.33
N VAL A 122 6.34 5.71 3.99
CA VAL A 122 7.48 6.61 4.20
C VAL A 122 8.17 6.88 2.88
N MET A 123 8.34 8.17 2.59
CA MET A 123 9.15 8.61 1.47
C MET A 123 10.04 9.73 2.00
N LYS A 124 11.34 9.47 2.07
CA LYS A 124 12.28 10.42 2.67
C LYS A 124 11.82 10.85 4.06
N GLY A 125 11.64 12.15 4.28
CA GLY A 125 11.31 12.65 5.62
C GLY A 125 9.81 12.66 5.86
N VAL A 126 9.02 12.16 4.90
CA VAL A 126 7.58 12.25 4.97
C VAL A 126 6.95 10.90 5.32
N THR A 127 6.09 10.94 6.32
CA THR A 127 5.39 9.75 6.78
C THR A 127 3.88 9.98 6.75
N SER A 128 3.17 9.06 6.13
CA SER A 128 1.70 9.08 6.10
C SER A 128 1.17 7.82 6.75
N THR A 129 0.10 7.98 7.52
CA THR A 129 -0.50 6.89 8.25
C THR A 129 -1.95 6.80 7.82
N ARG A 130 -2.33 5.61 7.36
CA ARG A 130 -3.67 5.34 6.86
C ARG A 130 -4.26 4.18 7.63
N VAL A 131 -5.48 4.36 8.13
CA VAL A 131 -6.13 3.34 8.94
C VAL A 131 -7.34 2.81 8.19
N TYR A 132 -7.47 1.49 8.16
CA TYR A 132 -8.56 0.80 7.49
C TYR A 132 -9.25 -0.09 8.50
N GLU A 133 -10.56 -0.26 8.36
CA GLU A 133 -11.34 -1.12 9.25
C GLU A 133 -12.18 -2.08 8.42
N ARG A 134 -12.51 -3.24 9.00
CA ARG A 134 -13.16 -4.30 8.23
C ARG A 134 -14.47 -3.82 7.68
N ALA A 135 -14.70 -4.17 6.43
CA ALA A 135 -15.93 -3.80 5.75
C ALA A 135 -17.09 -4.58 6.37
C10 A1H4Y B . -5.33 5.79 -3.23
C11 A1H4Y B . -6.71 5.89 -3.47
C13 A1H4Y B . -6.62 3.87 -4.78
C19 A1H4Y B . -1.16 3.71 0.34
C20 A1H4Y B . -1.12 2.51 1.28
C21 A1H4Y B . -1.41 1.35 0.35
C22 A1H4Y B . -0.70 1.69 -0.97
C23 A1H4Y B . 0.97 3.60 -0.93
C25 A1H4Y B . -2.87 6.44 -5.26
C26 A1H4Y B . -1.78 7.08 -6.12
C27 A1H4Y B . -0.68 7.59 -5.22
C28 A1H4Y B . 0.01 6.43 -4.52
C1 A1H4Y B . -3.16 4.67 -3.46
C2 A1H4Y B . -2.31 5.55 -4.17
C3 A1H4Y B . -0.97 5.56 -3.82
N4 A1H4Y B . -0.45 4.78 -2.86
C5 A1H4Y B . -1.24 3.96 -2.16
C6 A1H4Y B . -2.63 3.89 -2.42
C7 A1H4Y B . -0.54 3.22 -1.02
C8 A1H4Y B . -3.55 3.01 -1.77
C9 A1H4Y B . -4.58 4.69 -3.76
C12 A1H4Y B . -7.34 4.93 -4.24
C14 A1H4Y B . -5.23 3.74 -4.53
N15 A1H4Y B . -4.27 3.28 -0.65
N16 A1H4Y B . -5.01 2.15 -0.37
N17 A1H4Y B . -4.72 1.26 -1.26
N18 A1H4Y B . -3.82 1.74 -2.15
O24 A1H4Y B . 1.67 2.97 -1.98
C29 A1H4Y B . -2.36 8.20 -6.99
C30 A1H4Y B . -3.33 7.61 -8.06
C31 A1H4Y B . -4.75 7.95 -7.67
C32 A1H4Y B . -5.76 7.52 -8.72
C33 A1H4Y B . -7.14 7.73 -8.09
C34 A1H4Y B . 2.89 3.58 -2.25
H35 A1H4Y B . -4.83 6.54 -2.63
H36 A1H4Y B . -7.27 6.73 -3.06
H38 A1H4Y B . -7.14 3.12 -5.37
H42 A1H4Y B . -2.18 4.06 0.22
H41 A1H4Y B . -0.61 4.55 0.77
H44 A1H4Y B . -1.87 2.60 2.07
H43 A1H4Y B . -0.17 2.42 1.80
H46 A1H4Y B . -2.48 1.19 0.21
H45 A1H4Y B . -1.06 0.41 0.78
H48 A1H4Y B . 0.26 1.16 -1.07
H47 A1H4Y B . -1.29 1.30 -1.79
H50 A1H4Y B . 1.35 3.30 0.04
H49 A1H4Y B . 1.11 4.68 -0.96
H52 A1H4Y B . -3.50 7.21 -4.84
H51 A1H4Y B . -3.55 5.84 -5.87
H53 A1H4Y B . -1.37 6.31 -6.78
H55 A1H4Y B . -1.09 8.28 -4.48
H54 A1H4Y B . 0.03 8.19 -5.78
H56 A1H4Y B . 0.55 5.81 -5.24
H57 A1H4Y B . 0.77 6.78 -3.84
H37 A1H4Y B . -8.41 5.02 -4.43
H39 A1H4Y B . -4.68 2.91 -4.96
H59 A1H4Y B . -1.57 8.76 -7.48
H58 A1H4Y B . -2.87 8.94 -6.37
H61 A1H4Y B . -3.20 6.53 -8.15
H60 A1H4Y B . -3.10 8.01 -9.04
H62 A1H4Y B . -4.85 9.01 -7.49
H63 A1H4Y B . -4.99 7.48 -6.73
H65 A1H4Y B . -5.63 6.47 -9.01
H64 A1H4Y B . -5.66 8.10 -9.63
H66 A1H4Y B . -7.28 7.15 -7.18
H68 A1H4Y B . -7.94 7.46 -8.77
H67 A1H4Y B . -7.30 8.78 -7.83
H69 A1H4Y B . 3.49 3.04 -2.99
H71 A1H4Y B . 3.42 3.55 -1.29
H70 A1H4Y B . 2.82 4.62 -2.57
S DMS C . -3.84 -19.23 -5.97
O DMS C . -4.36 -17.82 -6.12
C1 DMS C . -4.46 -20.21 -7.37
C2 DMS C . -2.07 -19.31 -6.29
#